data_5VEE
#
_entry.id   5VEE
#
_cell.length_a   62.955
_cell.length_b   62.955
_cell.length_c   183.509
_cell.angle_alpha   90.00
_cell.angle_beta   90.00
_cell.angle_gamma   90.00
#
_symmetry.space_group_name_H-M   'P 41 21 2'
#
loop_
_entity.id
_entity.type
_entity.pdbx_description
1 polymer 'Serine/threonine-protein kinase PAK 4'
2 non-polymer 6-(2,4-dichlorophenyl)-8-ethyl-2-{[3-fluoro-4-(piperazin-1-yl)phenyl]amino}pyrido[2,3-d]pyrimidin-7(8H)-one
#
_entity_poly.entity_id   1
_entity_poly.type   'polypeptide(L)'
_entity_poly.pdbx_seq_one_letter_code
;GARARQENGMPEKPPGPRSPQREPQRVSHEQFRAALQLVVDPGDPRSYLDNFIKIGEGSTGIVCIATVRSSGKLVAVKKM
DLRKQQRRELLFNEVVIMRDYQHENVVEMYNSYLVGDELWVVMEFLEGGALTDIVTHTRMNEEQIAAVCLAVLQALSVLH
AQGVIHRDIKSDSILLTHDGRVKLSDFGFCAQVSKEVPRRK(SEP)LVGTPYWMAPELISRLPYGPEVDIWSLGIMVIEM
VDGEPPYFNEPPLKAMKMIRDNLPPRLKNLHKVSPSLKGFLDRLLVRDPAQRATAAELLKHPFLAKAGPPASIVPLMRQN
RTR
;
_entity_poly.pdbx_strand_id   A
#
# COMPACT_ATOMS: atom_id res chain seq x y z
N SER A 28 -14.85 13.22 -24.77
CA SER A 28 -13.60 12.48 -24.40
C SER A 28 -13.29 12.62 -22.88
N HIS A 29 -12.74 13.77 -22.51
CA HIS A 29 -12.20 13.98 -21.18
C HIS A 29 -13.25 14.55 -20.26
N GLU A 30 -14.07 15.46 -20.77
CA GLU A 30 -15.09 16.13 -19.93
C GLU A 30 -16.28 15.24 -19.51
N GLN A 31 -16.36 14.05 -20.10
CA GLN A 31 -17.21 12.99 -19.56
C GLN A 31 -16.71 12.51 -18.19
N PHE A 32 -15.39 12.37 -18.06
CA PHE A 32 -14.78 12.09 -16.74
C PHE A 32 -15.09 13.24 -15.78
N ARG A 33 -14.76 14.47 -16.19
CA ARG A 33 -15.08 15.69 -15.41
C ARG A 33 -16.51 15.71 -14.82
N ALA A 34 -17.47 15.24 -15.62
CA ALA A 34 -18.88 15.28 -15.22
C ALA A 34 -19.22 14.24 -14.15
N ALA A 35 -18.69 13.03 -14.31
CA ALA A 35 -18.87 11.96 -13.32
C ALA A 35 -18.31 12.34 -11.93
N LEU A 36 -17.11 12.94 -11.96
CA LEU A 36 -16.48 13.50 -10.76
C LEU A 36 -17.41 14.43 -10.01
N GLN A 37 -18.05 15.34 -10.74
CA GLN A 37 -18.92 16.34 -10.11
C GLN A 37 -20.10 15.73 -9.32
N LEU A 38 -20.41 14.47 -9.59
CA LEU A 38 -21.34 13.72 -8.73
C LEU A 38 -20.69 13.46 -7.38
N VAL A 39 -19.46 12.99 -7.42
CA VAL A 39 -18.73 12.51 -6.25
C VAL A 39 -18.17 13.62 -5.35
N VAL A 40 -17.39 14.51 -5.93
CA VAL A 40 -16.57 15.42 -5.17
C VAL A 40 -17.42 16.28 -4.30
N ASP A 41 -16.92 16.67 -3.14
CA ASP A 41 -17.50 17.82 -2.45
C ASP A 41 -17.40 19.06 -3.38
N PRO A 42 -18.45 19.91 -3.46
CA PRO A 42 -18.25 21.12 -4.27
C PRO A 42 -17.58 22.26 -3.49
N GLY A 43 -17.20 23.30 -4.22
CA GLY A 43 -16.53 24.46 -3.64
C GLY A 43 -15.03 24.31 -3.73
N ASP A 44 -14.32 25.41 -3.50
CA ASP A 44 -12.87 25.44 -3.61
C ASP A 44 -12.24 25.11 -2.25
N PRO A 45 -11.34 24.10 -2.20
CA PRO A 45 -10.61 23.88 -0.95
C PRO A 45 -9.59 24.98 -0.64
N ARG A 46 -9.24 25.85 -1.60
CA ARG A 46 -8.51 27.09 -1.26
C ARG A 46 -9.29 28.02 -0.29
N SER A 47 -10.61 27.99 -0.28
CA SER A 47 -11.35 28.66 0.80
C SER A 47 -10.88 28.25 2.24
N TYR A 48 -10.26 27.07 2.42
CA TYR A 48 -9.70 26.74 3.74
C TYR A 48 -8.30 26.11 3.78
N LEU A 49 -7.58 26.08 2.66
CA LEU A 49 -6.21 25.51 2.57
C LEU A 49 -5.20 26.41 1.89
N ASP A 50 -3.99 26.47 2.47
CA ASP A 50 -2.89 27.32 1.96
C ASP A 50 -1.51 26.88 2.47
N ASN A 51 -0.48 27.57 1.99
CA ASN A 51 0.93 27.21 2.25
C ASN A 51 1.20 25.81 1.76
N PHE A 52 0.89 25.62 0.47
CA PHE A 52 1.11 24.36 -0.20
C PHE A 52 2.63 24.18 -0.36
N ILE A 53 3.12 22.94 -0.21
CA ILE A 53 4.54 22.57 -0.30
C ILE A 53 4.64 21.20 -0.95
N LYS A 54 5.50 20.96 -1.94
CA LYS A 54 5.57 19.63 -2.57
C LYS A 54 6.28 18.61 -1.69
N ILE A 55 5.67 17.44 -1.56
CA ILE A 55 6.27 16.29 -0.90
C ILE A 55 6.90 15.44 -1.96
N GLY A 56 6.10 15.04 -2.94
CA GLY A 56 6.51 14.00 -3.85
C GLY A 56 5.72 13.89 -5.12
N GLU A 57 5.94 12.78 -5.81
CA GLU A 57 5.35 12.52 -7.11
C GLU A 57 5.66 11.09 -7.55
N GLY A 58 4.66 10.45 -8.16
CA GLY A 58 4.78 9.11 -8.72
C GLY A 58 4.02 9.03 -10.02
N SER A 59 4.30 9.98 -10.93
CA SER A 59 3.72 10.04 -12.28
C SER A 59 2.22 10.38 -12.37
N THR A 60 1.38 9.70 -11.59
CA THR A 60 -0.08 9.92 -11.58
C THR A 60 -0.53 11.30 -11.04
N GLY A 61 0.39 12.08 -10.47
CA GLY A 61 0.09 13.43 -9.97
C GLY A 61 1.14 13.91 -8.98
N ILE A 62 1.11 15.20 -8.65
CA ILE A 62 1.95 15.77 -7.58
C ILE A 62 1.22 15.68 -6.25
N VAL A 63 2.00 15.63 -5.16
CA VAL A 63 1.46 15.57 -3.82
C VAL A 63 2.05 16.69 -2.95
N CYS A 64 1.20 17.34 -2.15
CA CYS A 64 1.56 18.55 -1.43
C CYS A 64 1.06 18.48 -0.05
N ILE A 65 1.74 19.19 0.84
CA ILE A 65 1.25 19.45 2.19
C ILE A 65 0.61 20.81 2.14
N ALA A 66 -0.41 21.02 2.96
CA ALA A 66 -1.09 22.29 3.02
C ALA A 66 -1.63 22.49 4.41
N THR A 67 -1.75 23.73 4.83
CA THR A 67 -2.31 24.04 6.15
C THR A 67 -3.81 24.31 6.05
N VAL A 68 -4.53 23.91 7.09
CA VAL A 68 -5.95 24.19 7.22
C VAL A 68 -6.07 25.43 8.09
N ARG A 69 -6.69 26.49 7.53
CA ARG A 69 -6.77 27.83 8.17
C ARG A 69 -7.55 27.81 9.44
N SER A 70 -8.78 27.30 9.34
CA SER A 70 -9.70 27.23 10.47
C SER A 70 -9.09 26.57 11.72
N SER A 71 -8.32 25.49 11.52
CA SER A 71 -7.83 24.64 12.61
C SER A 71 -6.29 24.61 12.83
N GLY A 72 -5.52 25.02 11.82
CA GLY A 72 -4.04 25.01 11.90
C GLY A 72 -3.34 23.69 11.59
N LYS A 73 -4.12 22.67 11.18
CA LYS A 73 -3.61 21.31 10.94
C LYS A 73 -3.06 21.20 9.54
N LEU A 74 -2.26 20.16 9.36
CA LEU A 74 -1.67 19.83 8.10
C LEU A 74 -2.42 18.68 7.46
N VAL A 75 -2.57 18.77 6.15
CA VAL A 75 -3.13 17.69 5.35
C VAL A 75 -2.26 17.38 4.12
N ALA A 76 -2.53 16.26 3.48
CA ALA A 76 -1.89 15.92 2.23
C ALA A 76 -2.88 16.10 1.11
N VAL A 77 -2.39 16.53 -0.04
CA VAL A 77 -3.25 16.83 -1.16
C VAL A 77 -2.64 16.27 -2.41
N LYS A 78 -3.30 15.30 -3.01
CA LYS A 78 -2.89 14.82 -4.30
C LYS A 78 -3.68 15.63 -5.32
N LYS A 79 -3.00 16.15 -6.34
CA LYS A 79 -3.59 16.99 -7.39
C LYS A 79 -3.31 16.25 -8.65
N MET A 80 -4.24 16.25 -9.60
CA MET A 80 -3.98 15.64 -10.92
C MET A 80 -4.88 16.21 -12.03
N ASP A 81 -4.27 16.60 -13.16
CA ASP A 81 -5.02 17.16 -14.29
C ASP A 81 -5.68 15.99 -15.01
N LEU A 82 -6.97 16.15 -15.27
CA LEU A 82 -7.81 15.08 -15.84
C LEU A 82 -7.39 14.71 -17.26
N ARG A 83 -7.01 15.72 -18.03
CA ARG A 83 -6.70 15.55 -19.45
C ARG A 83 -5.39 14.79 -19.67
N LYS A 84 -4.42 15.07 -18.81
CA LYS A 84 -3.08 14.51 -18.94
C LYS A 84 -2.89 13.17 -18.18
N GLN A 85 -3.95 12.65 -17.55
CA GLN A 85 -3.95 11.27 -17.03
C GLN A 85 -4.05 10.29 -18.19
N GLN A 86 -3.35 9.16 -18.08
CA GLN A 86 -3.34 8.17 -19.16
C GLN A 86 -4.11 6.90 -18.78
N ARG A 87 -3.84 6.35 -17.60
CA ARG A 87 -4.74 5.37 -17.00
C ARG A 87 -5.71 6.16 -16.12
N ARG A 88 -6.64 6.86 -16.78
CA ARG A 88 -7.67 7.63 -16.10
C ARG A 88 -8.56 6.69 -15.29
N GLU A 89 -8.88 5.53 -15.86
CA GLU A 89 -9.61 4.45 -15.18
C GLU A 89 -9.25 4.29 -13.72
N LEU A 90 -7.94 4.31 -13.44
CA LEU A 90 -7.41 4.09 -12.09
C LEU A 90 -7.70 5.22 -11.11
N LEU A 91 -7.75 6.43 -11.64
CA LEU A 91 -8.11 7.60 -10.86
C LEU A 91 -9.44 7.47 -10.09
N PHE A 92 -10.45 6.91 -10.74
CA PHE A 92 -11.68 6.50 -10.06
C PHE A 92 -11.48 5.56 -8.91
N ASN A 93 -10.60 4.58 -9.10
CA ASN A 93 -10.48 3.49 -8.13
C ASN A 93 -10.07 3.95 -6.74
N GLU A 94 -9.13 4.87 -6.62
CA GLU A 94 -8.78 5.36 -5.28
C GLU A 94 -10.00 6.10 -4.71
N VAL A 95 -10.55 7.05 -5.45
CA VAL A 95 -11.61 7.91 -4.89
C VAL A 95 -12.87 7.16 -4.59
N VAL A 96 -13.35 6.41 -5.57
CA VAL A 96 -14.60 5.66 -5.42
C VAL A 96 -14.48 4.52 -4.39
N ILE A 97 -13.35 3.83 -4.34
CA ILE A 97 -13.15 2.79 -3.34
C ILE A 97 -12.82 3.43 -1.99
N MET A 98 -11.73 4.17 -1.92
CA MET A 98 -11.28 4.72 -0.64
C MET A 98 -12.28 5.64 0.09
N ARG A 99 -13.15 6.33 -0.64
CA ARG A 99 -14.17 7.15 0.04
C ARG A 99 -14.97 6.32 1.09
N ASP A 100 -14.74 6.74 2.35
CA ASP A 100 -15.50 6.37 3.56
C ASP A 100 -15.11 5.03 4.29
N TYR A 101 -14.15 4.25 3.78
CA TYR A 101 -13.67 3.07 4.54
C TYR A 101 -13.05 3.54 5.84
N GLN A 102 -13.58 3.01 6.93
CA GLN A 102 -13.17 3.39 8.26
C GLN A 102 -12.21 2.30 8.74
N HIS A 103 -10.92 2.64 8.85
CA HIS A 103 -9.97 1.73 9.47
C HIS A 103 -8.75 2.40 10.04
N GLU A 104 -8.50 2.11 11.32
CA GLU A 104 -7.33 2.59 12.07
C GLU A 104 -6.00 2.44 11.30
N ASN A 105 -5.82 1.34 10.56
CA ASN A 105 -4.62 1.06 9.77
C ASN A 105 -4.75 1.35 8.27
N VAL A 106 -5.63 2.27 7.94
CA VAL A 106 -5.71 2.79 6.58
C VAL A 106 -5.70 4.31 6.55
N VAL A 107 -5.10 4.85 5.50
CA VAL A 107 -4.91 6.30 5.34
C VAL A 107 -6.25 6.92 4.99
N GLU A 108 -6.66 7.90 5.79
CA GLU A 108 -8.01 8.47 5.73
C GLU A 108 -8.11 9.55 4.65
N MET A 109 -9.05 9.42 3.74
CA MET A 109 -9.35 10.46 2.74
C MET A 109 -10.34 11.38 3.38
N TYR A 110 -10.18 12.69 3.20
CA TYR A 110 -11.09 13.65 3.85
C TYR A 110 -12.20 14.15 2.91
N ASN A 111 -11.78 14.78 1.80
CA ASN A 111 -12.66 15.13 0.71
C ASN A 111 -11.84 15.10 -0.56
N SER A 112 -12.58 15.25 -1.65
CA SER A 112 -12.03 15.45 -2.97
C SER A 112 -12.77 16.66 -3.56
N TYR A 113 -12.15 17.33 -4.51
CA TYR A 113 -12.68 18.58 -4.99
C TYR A 113 -12.41 18.60 -6.47
N LEU A 114 -13.25 19.32 -7.21
CA LEU A 114 -13.03 19.60 -8.61
C LEU A 114 -12.56 21.06 -8.62
N VAL A 115 -11.35 21.28 -9.11
CA VAL A 115 -10.71 22.61 -9.11
C VAL A 115 -10.10 22.83 -10.49
N GLY A 116 -10.86 23.51 -11.36
CA GLY A 116 -10.51 23.67 -12.77
C GLY A 116 -10.67 22.37 -13.57
N ASP A 117 -9.63 22.07 -14.35
CA ASP A 117 -9.48 20.77 -15.00
C ASP A 117 -8.68 19.80 -14.10
N GLU A 118 -8.77 19.96 -12.77
CA GLU A 118 -7.97 19.17 -11.83
C GLU A 118 -8.77 18.59 -10.68
N LEU A 119 -8.51 17.31 -10.44
CA LEU A 119 -8.92 16.65 -9.22
C LEU A 119 -7.86 16.74 -8.11
N TRP A 120 -8.28 17.24 -6.97
CA TRP A 120 -7.48 17.32 -5.76
C TRP A 120 -8.09 16.38 -4.73
N VAL A 121 -7.27 15.57 -4.09
CA VAL A 121 -7.78 14.71 -3.04
C VAL A 121 -7.04 15.06 -1.77
N VAL A 122 -7.81 15.30 -0.72
CA VAL A 122 -7.24 15.73 0.52
C VAL A 122 -7.23 14.57 1.50
N MET A 123 -6.07 14.27 2.09
CA MET A 123 -5.89 13.11 2.97
C MET A 123 -5.17 13.44 4.25
N GLU A 124 -5.26 12.52 5.19
CA GLU A 124 -4.50 12.60 6.42
C GLU A 124 -3.02 12.69 6.06
N PHE A 125 -2.27 13.47 6.82
CA PHE A 125 -0.86 13.65 6.59
C PHE A 125 -0.08 12.80 7.61
N LEU A 126 0.60 11.77 7.13
CA LEU A 126 1.47 10.96 7.96
C LEU A 126 2.89 11.47 7.96
N GLU A 127 3.30 11.92 9.14
CA GLU A 127 4.55 12.61 9.40
C GLU A 127 5.77 11.69 9.26
N GLY A 128 5.60 10.40 9.51
CA GLY A 128 6.74 9.49 9.54
C GLY A 128 7.23 9.03 8.19
N GLY A 129 6.41 9.20 7.16
CA GLY A 129 6.84 8.86 5.82
C GLY A 129 6.67 7.37 5.54
N ALA A 130 7.28 6.91 4.47
CA ALA A 130 7.12 5.57 4.01
C ALA A 130 8.12 4.66 4.69
N LEU A 131 7.73 3.40 4.79
CA LEU A 131 8.56 2.39 5.41
C LEU A 131 9.77 2.15 4.55
N THR A 132 9.63 2.31 3.25
CA THR A 132 10.71 2.10 2.31
C THR A 132 12.00 2.92 2.69
N ASP A 133 11.87 4.12 3.24
CA ASP A 133 13.02 4.88 3.78
C ASP A 133 13.80 4.19 4.86
N ILE A 134 13.10 3.40 5.65
CA ILE A 134 13.63 2.72 6.82
C ILE A 134 14.32 1.43 6.43
N VAL A 135 13.71 0.64 5.52
CA VAL A 135 14.26 -0.70 5.24
C VAL A 135 15.55 -0.69 4.46
N THR A 136 15.78 0.39 3.73
CA THR A 136 16.95 0.57 2.91
C THR A 136 18.10 0.98 3.84
N HIS A 137 17.85 1.96 4.69
CA HIS A 137 18.88 2.48 5.57
C HIS A 137 19.19 1.52 6.75
N THR A 138 18.17 0.99 7.44
CA THR A 138 18.42 0.16 8.65
C THR A 138 17.84 -1.23 8.52
N ARG A 139 18.10 -2.04 9.54
CA ARG A 139 17.57 -3.38 9.59
C ARG A 139 16.63 -3.40 10.79
N MET A 140 15.50 -4.08 10.65
CA MET A 140 14.48 -4.10 11.68
C MET A 140 14.57 -5.40 12.46
N ASN A 141 14.15 -5.35 13.72
CA ASN A 141 14.11 -6.51 14.58
C ASN A 141 12.71 -7.14 14.41
N GLU A 142 12.39 -8.17 15.18
CA GLU A 142 11.23 -8.99 14.83
C GLU A 142 9.96 -8.43 15.41
N GLU A 143 10.09 -7.90 16.60
CA GLU A 143 9.07 -7.09 17.22
C GLU A 143 8.55 -6.02 16.25
N GLN A 144 9.46 -5.26 15.66
CA GLN A 144 9.08 -4.19 14.75
C GLN A 144 8.51 -4.78 13.46
N ILE A 145 9.09 -5.88 13.01
CA ILE A 145 8.55 -6.51 11.81
C ILE A 145 7.16 -7.03 12.11
N ALA A 146 6.95 -7.51 13.34
CA ALA A 146 5.68 -8.20 13.65
C ALA A 146 4.57 -7.18 13.69
N ALA A 147 4.86 -6.06 14.36
CA ALA A 147 3.99 -4.87 14.37
C ALA A 147 3.54 -4.41 12.97
N VAL A 148 4.47 -4.22 12.05
CA VAL A 148 4.13 -3.82 10.69
C VAL A 148 3.21 -4.83 10.02
N CYS A 149 3.59 -6.10 10.11
CA CYS A 149 2.78 -7.20 9.57
C CYS A 149 1.43 -7.29 10.23
N LEU A 150 1.39 -7.04 11.53
CA LEU A 150 0.14 -7.15 12.24
C LEU A 150 -0.80 -6.11 11.66
N ALA A 151 -0.33 -4.85 11.61
CA ALA A 151 -1.12 -3.70 11.10
C ALA A 151 -1.60 -3.92 9.74
N VAL A 152 -0.71 -4.38 8.88
CA VAL A 152 -1.10 -4.58 7.51
C VAL A 152 -2.08 -5.74 7.34
N LEU A 153 -1.98 -6.75 8.20
CA LEU A 153 -2.92 -7.88 8.12
C LEU A 153 -4.30 -7.48 8.65
N GLN A 154 -4.37 -6.83 9.82
CA GLN A 154 -5.63 -6.17 10.27
C GLN A 154 -6.33 -5.43 9.08
N ALA A 155 -5.69 -4.43 8.48
CA ALA A 155 -6.28 -3.75 7.31
C ALA A 155 -6.64 -4.67 6.11
N LEU A 156 -5.71 -5.52 5.70
CA LEU A 156 -6.02 -6.42 4.59
C LEU A 156 -7.17 -7.40 4.88
N SER A 157 -7.47 -7.71 6.15
CA SER A 157 -8.49 -8.69 6.48
C SER A 157 -9.84 -8.07 6.13
N VAL A 158 -10.12 -6.91 6.72
CA VAL A 158 -11.28 -6.08 6.33
C VAL A 158 -11.37 -5.81 4.81
N LEU A 159 -10.36 -5.19 4.21
CA LEU A 159 -10.43 -4.96 2.77
C LEU A 159 -10.81 -6.21 1.97
N HIS A 160 -10.28 -7.36 2.40
CA HIS A 160 -10.54 -8.66 1.77
C HIS A 160 -11.94 -9.16 2.18
N ALA A 161 -12.38 -8.81 3.38
CA ALA A 161 -13.77 -9.04 3.86
C ALA A 161 -14.85 -8.19 3.16
N GLN A 162 -14.47 -7.26 2.29
CA GLN A 162 -15.41 -6.45 1.50
C GLN A 162 -15.11 -6.46 0.01
N GLY A 163 -14.21 -7.35 -0.42
CA GLY A 163 -13.93 -7.52 -1.84
C GLY A 163 -12.73 -6.76 -2.42
N VAL A 164 -12.10 -5.90 -1.62
CA VAL A 164 -10.98 -5.07 -2.12
C VAL A 164 -9.61 -5.82 -2.11
N ILE A 165 -9.06 -6.10 -3.29
CA ILE A 165 -7.66 -6.44 -3.48
C ILE A 165 -6.85 -5.15 -3.66
N HIS A 166 -5.86 -4.91 -2.81
CA HIS A 166 -5.01 -3.72 -2.91
C HIS A 166 -4.20 -3.73 -4.22
N ARG A 167 -3.61 -4.88 -4.51
CA ARG A 167 -2.83 -5.15 -5.74
C ARG A 167 -1.51 -4.43 -5.86
N ASP A 168 -1.06 -3.75 -4.82
CA ASP A 168 0.24 -3.08 -4.88
C ASP A 168 0.95 -2.95 -3.50
N ILE A 169 0.93 -4.04 -2.71
CA ILE A 169 1.59 -4.08 -1.39
C ILE A 169 3.12 -4.12 -1.57
N LYS A 170 3.79 -3.31 -0.75
CA LYS A 170 5.23 -3.17 -0.68
C LYS A 170 5.55 -2.08 0.34
N SER A 171 6.81 -1.96 0.75
CA SER A 171 7.19 -1.00 1.83
C SER A 171 6.81 0.43 1.48
N ASP A 172 6.71 0.66 0.19
CA ASP A 172 6.52 1.96 -0.37
C ASP A 172 5.10 2.45 -0.14
N SER A 173 4.20 1.50 -0.01
CA SER A 173 2.84 1.85 0.19
C SER A 173 2.39 1.73 1.59
N ILE A 174 3.33 1.64 2.56
CA ILE A 174 3.07 1.71 3.98
C ILE A 174 3.56 3.03 4.58
N LEU A 175 2.74 3.69 5.36
CA LEU A 175 3.12 4.98 5.93
C LEU A 175 3.15 4.93 7.44
N LEU A 176 3.92 5.81 8.05
CA LEU A 176 4.02 5.82 9.51
C LEU A 176 3.61 7.14 10.12
N THR A 177 2.86 7.11 11.21
CA THR A 177 2.62 8.34 12.03
C THR A 177 3.83 8.59 12.89
N HIS A 178 3.93 9.77 13.49
CA HIS A 178 5.00 10.04 14.50
C HIS A 178 4.89 9.11 15.73
N ASP A 179 3.67 8.65 16.08
CA ASP A 179 3.45 7.63 17.14
C ASP A 179 4.06 6.27 16.84
N GLY A 180 4.43 6.02 15.59
CA GLY A 180 4.88 4.73 15.15
C GLY A 180 3.77 3.84 14.66
N ARG A 181 2.61 4.42 14.36
CA ARG A 181 1.50 3.63 13.85
C ARG A 181 1.68 3.45 12.37
N VAL A 182 1.10 2.38 11.84
CA VAL A 182 1.32 1.87 10.50
C VAL A 182 0.01 1.86 9.76
N LYS A 183 0.02 2.47 8.58
CA LYS A 183 -1.21 2.60 7.81
C LYS A 183 -0.93 2.30 6.38
N LEU A 184 -1.89 1.69 5.77
CA LEU A 184 -1.73 1.23 4.43
C LEU A 184 -2.24 2.34 3.54
N SER A 185 -1.64 2.53 2.37
CA SER A 185 -2.09 3.56 1.44
C SER A 185 -1.80 3.12 0.00
N ASP A 186 -1.89 4.06 -0.95
CA ASP A 186 -1.50 3.87 -2.36
C ASP A 186 -2.36 2.81 -2.99
N PHE A 187 -3.64 3.15 -3.07
CA PHE A 187 -4.71 2.33 -3.69
C PHE A 187 -4.98 2.60 -5.17
N GLY A 188 -4.09 3.33 -5.83
CA GLY A 188 -4.22 3.56 -7.25
C GLY A 188 -4.63 2.34 -8.05
N PHE A 189 -4.14 1.17 -7.64
CA PHE A 189 -4.30 -0.06 -8.39
C PHE A 189 -5.36 -1.00 -7.86
N CYS A 190 -6.07 -0.62 -6.80
CA CYS A 190 -7.04 -1.52 -6.18
C CYS A 190 -8.23 -1.88 -7.09
N ALA A 191 -8.89 -2.98 -6.76
CA ALA A 191 -10.01 -3.50 -7.55
C ALA A 191 -11.04 -4.10 -6.59
N GLN A 192 -12.35 -3.82 -6.79
CA GLN A 192 -13.41 -4.44 -5.99
C GLN A 192 -13.87 -5.74 -6.64
N VAL A 193 -14.16 -6.75 -5.82
CA VAL A 193 -14.40 -8.12 -6.31
C VAL A 193 -15.60 -8.70 -5.53
N SER A 194 -16.32 -9.61 -6.18
CA SER A 194 -17.61 -10.08 -5.67
C SER A 194 -17.80 -11.58 -5.85
N LYS A 195 -18.87 -12.04 -5.17
CA LYS A 195 -19.36 -13.41 -5.25
C LYS A 195 -19.51 -13.96 -6.68
N GLU A 196 -19.89 -13.13 -7.64
CA GLU A 196 -20.16 -13.57 -9.01
C GLU A 196 -18.94 -13.57 -9.96
N VAL A 197 -18.12 -12.52 -9.88
CA VAL A 197 -16.81 -12.48 -10.55
C VAL A 197 -15.76 -12.31 -9.45
N PRO A 198 -15.14 -13.43 -9.00
CA PRO A 198 -14.28 -13.40 -7.81
C PRO A 198 -12.78 -13.23 -8.11
N ARG A 199 -12.42 -12.82 -9.33
CA ARG A 199 -11.03 -12.70 -9.74
C ARG A 199 -10.84 -11.58 -10.76
N ARG A 200 -9.58 -11.16 -10.96
CA ARG A 200 -9.23 -10.17 -12.02
C ARG A 200 -8.12 -10.73 -12.91
N LYS A 201 -7.91 -10.08 -14.04
CA LYS A 201 -6.98 -10.56 -15.07
C LYS A 201 -5.80 -9.63 -15.22
N LEU A 203 -2.83 -7.24 -15.61
CA LEU A 203 -1.43 -7.23 -15.22
C LEU A 203 -1.05 -5.87 -14.67
N VAL A 204 -1.23 -5.72 -13.37
CA VAL A 204 -0.82 -4.50 -12.67
C VAL A 204 -0.15 -4.84 -11.33
N GLY A 205 0.81 -4.00 -10.95
CA GLY A 205 1.50 -4.15 -9.67
C GLY A 205 2.92 -3.69 -9.86
N THR A 206 3.76 -3.92 -8.86
CA THR A 206 5.18 -3.67 -9.04
C THR A 206 5.85 -5.04 -9.21
N PRO A 207 6.62 -5.21 -10.32
CA PRO A 207 7.19 -6.50 -10.76
C PRO A 207 7.75 -7.39 -9.63
N TYR A 208 8.83 -6.93 -9.00
CA TYR A 208 9.46 -7.66 -7.86
C TYR A 208 8.46 -8.16 -6.80
N TRP A 209 7.39 -7.41 -6.58
CA TRP A 209 6.34 -7.79 -5.64
C TRP A 209 5.15 -8.58 -6.24
N MET A 210 5.04 -8.72 -7.56
CA MET A 210 3.84 -9.41 -8.14
C MET A 210 3.83 -10.88 -7.85
N ALA A 211 2.66 -11.44 -7.53
CA ALA A 211 2.51 -12.89 -7.34
C ALA A 211 2.83 -13.76 -8.64
N PRO A 212 2.90 -15.11 -8.50
CA PRO A 212 3.15 -15.93 -9.69
C PRO A 212 1.95 -15.91 -10.65
N GLU A 213 0.78 -16.32 -10.17
CA GLU A 213 -0.45 -16.27 -10.98
C GLU A 213 -0.68 -14.92 -11.75
N LEU A 214 -0.23 -13.80 -11.20
CA LEU A 214 -0.45 -12.50 -11.82
C LEU A 214 0.42 -12.31 -13.05
N ILE A 215 1.62 -12.88 -13.00
CA ILE A 215 2.52 -12.89 -14.16
C ILE A 215 2.16 -14.05 -15.15
N SER A 216 1.55 -15.11 -14.61
CA SER A 216 0.98 -16.20 -15.42
C SER A 216 -0.12 -15.73 -16.38
N ARG A 217 -0.67 -14.53 -16.14
CA ARG A 217 -1.82 -13.99 -16.86
C ARG A 217 -3.10 -14.76 -16.49
N LEU A 218 -3.01 -15.55 -15.41
CA LEU A 218 -4.11 -16.36 -14.91
C LEU A 218 -5.11 -15.45 -14.28
N PRO A 219 -6.34 -15.94 -14.10
CA PRO A 219 -7.23 -15.22 -13.19
C PRO A 219 -6.63 -15.34 -11.80
N TYR A 220 -6.79 -14.29 -10.99
CA TYR A 220 -6.24 -14.19 -9.61
C TYR A 220 -7.18 -13.52 -8.61
N GLY A 221 -7.11 -13.91 -7.34
CA GLY A 221 -7.99 -13.38 -6.27
C GLY A 221 -7.23 -12.50 -5.27
N PRO A 222 -7.83 -12.23 -4.09
CA PRO A 222 -7.20 -11.38 -3.05
C PRO A 222 -5.98 -11.97 -2.32
N GLU A 223 -5.40 -13.03 -2.87
CA GLU A 223 -4.33 -13.72 -2.24
C GLU A 223 -3.03 -13.15 -2.75
N VAL A 224 -3.04 -12.56 -3.96
CA VAL A 224 -1.85 -11.83 -4.46
C VAL A 224 -1.34 -10.75 -3.49
N ASP A 225 -2.19 -10.26 -2.59
CA ASP A 225 -1.75 -9.32 -1.54
C ASP A 225 -0.80 -10.03 -0.60
N ILE A 226 -1.09 -11.29 -0.35
CA ILE A 226 -0.41 -12.05 0.66
C ILE A 226 0.99 -12.42 0.19
N TRP A 227 1.13 -12.82 -1.05
CA TRP A 227 2.44 -13.03 -1.63
C TRP A 227 3.24 -11.74 -1.55
N SER A 228 2.66 -10.63 -2.02
CA SER A 228 3.32 -9.33 -1.98
C SER A 228 3.76 -8.92 -0.55
N LEU A 229 2.94 -9.27 0.43
CA LEU A 229 3.29 -9.03 1.79
C LEU A 229 4.58 -9.85 2.10
N GLY A 230 4.55 -11.15 1.88
CA GLY A 230 5.74 -11.96 2.02
C GLY A 230 6.99 -11.37 1.41
N ILE A 231 6.86 -10.81 0.23
CA ILE A 231 8.02 -10.20 -0.39
C ILE A 231 8.50 -8.98 0.46
N MET A 232 7.53 -8.34 1.13
CA MET A 232 7.78 -7.16 1.97
C MET A 232 8.52 -7.54 3.25
N VAL A 233 8.16 -8.68 3.84
CA VAL A 233 8.93 -9.25 4.93
C VAL A 233 10.39 -9.45 4.51
N ILE A 234 10.60 -9.95 3.32
CA ILE A 234 11.95 -10.13 2.82
C ILE A 234 12.58 -8.79 2.65
N GLU A 235 11.80 -7.75 2.30
CA GLU A 235 12.33 -6.35 2.30
C GLU A 235 12.77 -5.93 3.74
N MET A 236 11.96 -6.22 4.75
CA MET A 236 12.28 -5.74 6.07
C MET A 236 13.55 -6.45 6.63
N VAL A 237 13.69 -7.74 6.35
CA VAL A 237 14.85 -8.49 6.80
C VAL A 237 16.11 -8.32 5.92
N ASP A 238 15.96 -8.30 4.59
CA ASP A 238 17.11 -8.16 3.67
C ASP A 238 17.43 -6.74 3.21
N GLY A 239 16.46 -5.82 3.30
CA GLY A 239 16.63 -4.47 2.78
C GLY A 239 16.14 -4.22 1.36
N GLU A 240 15.88 -5.30 0.60
CA GLU A 240 15.47 -5.29 -0.81
C GLU A 240 14.61 -6.49 -1.01
N PRO A 241 13.81 -6.52 -2.09
CA PRO A 241 13.13 -7.78 -2.43
C PRO A 241 14.01 -8.66 -3.32
N PRO A 242 13.56 -9.89 -3.55
CA PRO A 242 14.25 -10.75 -4.50
C PRO A 242 14.38 -10.20 -5.93
N TYR A 243 15.51 -10.53 -6.53
CA TYR A 243 15.85 -10.23 -7.93
C TYR A 243 16.04 -8.72 -8.24
N PHE A 244 16.24 -7.87 -7.22
CA PHE A 244 16.17 -6.40 -7.40
C PHE A 244 17.31 -5.87 -8.25
N ASN A 245 18.40 -6.64 -8.35
CA ASN A 245 19.50 -6.39 -9.30
C ASN A 245 19.09 -6.55 -10.75
N GLU A 246 18.23 -7.52 -11.06
CA GLU A 246 17.79 -7.83 -12.43
C GLU A 246 16.96 -6.67 -13.06
N PRO A 247 16.70 -6.74 -14.39
CA PRO A 247 15.62 -5.91 -14.93
C PRO A 247 14.23 -6.48 -14.56
N PRO A 248 13.16 -5.66 -14.68
CA PRO A 248 11.85 -6.10 -14.20
C PRO A 248 11.31 -7.28 -14.99
N LEU A 249 11.57 -7.28 -16.30
CA LEU A 249 11.15 -8.38 -17.18
C LEU A 249 11.83 -9.70 -16.80
N LYS A 250 13.12 -9.66 -16.47
CA LYS A 250 13.88 -10.87 -16.04
C LYS A 250 13.32 -11.41 -14.72
N ALA A 251 13.30 -10.55 -13.71
CA ALA A 251 12.79 -10.87 -12.37
C ALA A 251 11.43 -11.54 -12.40
N MET A 252 10.58 -11.10 -13.33
CA MET A 252 9.19 -11.57 -13.41
C MET A 252 9.03 -13.01 -13.91
N LYS A 253 9.89 -13.44 -14.82
CA LYS A 253 9.90 -14.84 -15.23
C LYS A 253 10.45 -15.67 -14.08
N MET A 254 11.61 -15.24 -13.58
CA MET A 254 12.21 -15.78 -12.34
C MET A 254 11.23 -16.09 -11.20
N ILE A 255 10.30 -15.18 -10.89
CA ILE A 255 9.31 -15.39 -9.80
C ILE A 255 8.27 -16.46 -10.18
N ARG A 256 7.88 -16.42 -11.46
CA ARG A 256 6.91 -17.33 -12.05
C ARG A 256 7.47 -18.76 -12.12
N ASP A 257 8.63 -18.86 -12.78
CA ASP A 257 9.26 -20.14 -13.15
C ASP A 257 9.87 -20.85 -11.94
N ASN A 258 10.65 -20.11 -11.17
CA ASN A 258 11.46 -20.68 -10.10
C ASN A 258 10.71 -20.78 -8.80
N LEU A 259 11.41 -21.40 -7.85
CA LEU A 259 10.93 -21.65 -6.49
C LEU A 259 10.53 -20.37 -5.73
N PRO A 260 9.82 -20.55 -4.60
CA PRO A 260 9.66 -19.45 -3.68
C PRO A 260 11.02 -18.84 -3.38
N PRO A 261 11.19 -17.52 -3.56
CA PRO A 261 12.49 -16.92 -3.20
C PRO A 261 12.76 -17.03 -1.69
N ARG A 262 14.02 -16.86 -1.30
CA ARG A 262 14.46 -17.14 0.07
C ARG A 262 15.13 -15.92 0.67
N LEU A 263 15.21 -15.89 2.00
CA LEU A 263 15.92 -14.81 2.67
C LEU A 263 17.41 -14.99 2.47
N LYS A 264 18.07 -13.96 1.96
CA LYS A 264 19.51 -13.97 1.88
C LYS A 264 20.12 -14.01 3.31
N ASN A 265 19.57 -13.25 4.26
CA ASN A 265 19.95 -13.30 5.69
C ASN A 265 19.06 -14.26 6.51
N LEU A 266 18.90 -15.51 6.07
CA LEU A 266 18.29 -16.58 6.90
C LEU A 266 18.81 -16.65 8.34
N HIS A 267 20.09 -16.36 8.55
CA HIS A 267 20.67 -16.44 9.89
C HIS A 267 20.25 -15.36 10.89
N LYS A 268 19.64 -14.27 10.41
CA LYS A 268 19.15 -13.19 11.31
C LYS A 268 17.70 -13.42 11.79
N VAL A 269 17.13 -14.56 11.46
CA VAL A 269 15.69 -14.77 11.45
C VAL A 269 15.23 -15.95 12.29
N SER A 270 14.19 -15.73 13.08
CA SER A 270 13.60 -16.76 13.92
C SER A 270 12.98 -17.88 13.15
N PRO A 271 12.96 -19.08 13.78
CA PRO A 271 12.17 -20.17 13.17
C PRO A 271 10.68 -19.78 13.10
N SER A 272 10.19 -19.09 14.14
CA SER A 272 8.84 -18.52 14.20
C SER A 272 8.51 -17.67 12.92
N LEU A 273 9.34 -16.67 12.65
CA LEU A 273 9.16 -15.81 11.47
C LEU A 273 9.32 -16.59 10.19
N LYS A 274 10.30 -17.49 10.18
CA LYS A 274 10.52 -18.37 9.04
C LYS A 274 9.28 -19.19 8.69
N GLY A 275 8.54 -19.65 9.70
CA GLY A 275 7.28 -20.36 9.44
C GLY A 275 6.22 -19.47 8.81
N PHE A 276 5.79 -18.46 9.57
CA PHE A 276 5.01 -17.30 9.05
C PHE A 276 5.34 -17.00 7.57
N LEU A 277 6.62 -16.73 7.29
CA LEU A 277 6.98 -16.47 5.94
C LEU A 277 6.66 -17.64 4.96
N ASP A 278 6.81 -18.90 5.39
CA ASP A 278 6.58 -20.06 4.51
C ASP A 278 5.12 -20.30 4.17
N ARG A 279 4.23 -19.86 5.06
CA ARG A 279 2.78 -19.71 4.80
C ARG A 279 2.30 -18.49 3.92
N LEU A 280 3.21 -17.55 3.59
CA LEU A 280 2.93 -16.45 2.65
C LEU A 280 3.50 -16.68 1.24
N LEU A 281 4.68 -17.28 1.15
CA LEU A 281 5.32 -17.45 -0.13
C LEU A 281 5.02 -18.84 -0.75
N VAL A 282 3.75 -19.25 -0.67
CA VAL A 282 3.26 -20.51 -1.27
C VAL A 282 2.98 -20.23 -2.75
N ARG A 283 3.68 -20.92 -3.66
CA ARG A 283 3.49 -20.66 -5.09
C ARG A 283 2.15 -21.16 -5.60
N ASP A 284 1.66 -22.28 -5.05
CA ASP A 284 0.29 -22.72 -5.27
C ASP A 284 -0.64 -21.74 -4.54
N PRO A 285 -1.39 -20.90 -5.31
CA PRO A 285 -2.36 -19.94 -4.71
C PRO A 285 -3.47 -20.54 -3.81
N ALA A 286 -3.87 -21.76 -4.12
CA ALA A 286 -4.95 -22.45 -3.41
C ALA A 286 -4.60 -22.64 -1.95
N GLN A 287 -3.38 -23.13 -1.71
CA GLN A 287 -2.92 -23.47 -0.37
C GLN A 287 -2.13 -22.36 0.33
N ARG A 288 -1.92 -21.24 -0.37
CA ARG A 288 -1.47 -19.98 0.25
C ARG A 288 -2.48 -19.51 1.30
N ALA A 289 -1.97 -18.93 2.40
CA ALA A 289 -2.80 -18.50 3.54
C ALA A 289 -3.56 -17.14 3.32
N THR A 290 -4.28 -16.68 4.37
CA THR A 290 -5.24 -15.60 4.27
C THR A 290 -5.16 -14.69 5.46
N ALA A 291 -5.41 -13.40 5.22
CA ALA A 291 -5.36 -12.40 6.25
C ALA A 291 -6.00 -12.91 7.52
N ALA A 292 -7.18 -13.49 7.36
CA ALA A 292 -7.91 -14.14 8.45
C ALA A 292 -7.02 -15.15 9.18
N GLU A 293 -6.51 -16.11 8.43
CA GLU A 293 -5.73 -17.20 8.98
C GLU A 293 -4.47 -16.67 9.68
N LEU A 294 -3.66 -15.96 8.88
CA LEU A 294 -2.40 -15.37 9.35
C LEU A 294 -2.52 -14.50 10.59
N LEU A 295 -3.66 -13.84 10.81
CA LEU A 295 -3.85 -13.03 12.04
C LEU A 295 -3.75 -13.82 13.34
N LYS A 296 -3.88 -15.14 13.27
CA LYS A 296 -3.77 -16.03 14.42
C LYS A 296 -2.32 -16.51 14.77
N HIS A 297 -1.48 -16.64 13.75
CA HIS A 297 -0.08 -17.19 13.82
C HIS A 297 0.76 -16.74 15.04
N PRO A 298 1.60 -17.65 15.59
CA PRO A 298 2.35 -17.26 16.81
C PRO A 298 3.36 -16.15 16.60
N PHE A 299 3.92 -16.06 15.40
CA PHE A 299 4.80 -14.96 15.04
C PHE A 299 4.23 -13.61 15.41
N LEU A 300 2.94 -13.36 15.18
CA LEU A 300 2.41 -12.02 15.44
C LEU A 300 2.26 -11.65 16.90
N ALA A 301 2.39 -12.60 17.82
CA ALA A 301 2.36 -12.25 19.27
C ALA A 301 3.64 -11.57 19.72
N LYS A 302 4.70 -11.70 18.94
CA LYS A 302 5.92 -10.94 19.15
C LYS A 302 5.77 -9.45 18.86
N ALA A 303 4.69 -9.07 18.14
CA ALA A 303 4.48 -7.67 17.77
C ALA A 303 4.56 -6.71 18.95
N GLY A 304 5.43 -5.71 18.88
CA GLY A 304 5.50 -4.65 19.89
C GLY A 304 4.53 -3.50 19.62
N PRO A 305 4.37 -2.58 20.60
CA PRO A 305 3.54 -1.41 20.36
C PRO A 305 4.12 -0.47 19.30
N PRO A 306 3.31 0.49 18.82
CA PRO A 306 3.77 1.64 18.01
C PRO A 306 5.08 2.29 18.47
N ALA A 307 5.33 2.34 19.79
CA ALA A 307 6.56 2.96 20.30
C ALA A 307 7.84 2.20 19.93
N SER A 308 7.73 0.88 19.74
CA SER A 308 8.89 0.11 19.29
C SER A 308 9.40 0.56 17.88
N ILE A 309 8.53 1.17 17.07
CA ILE A 309 8.85 1.59 15.69
C ILE A 309 9.55 2.95 15.60
N VAL A 310 9.11 3.90 16.41
CA VAL A 310 9.70 5.27 16.48
C VAL A 310 11.23 5.39 16.25
N PRO A 311 12.05 4.69 17.07
CA PRO A 311 13.52 4.75 16.92
C PRO A 311 14.08 4.53 15.50
N LEU A 312 13.37 3.77 14.69
CA LEU A 312 13.80 3.48 13.37
C LEU A 312 13.76 4.68 12.42
N MET A 313 13.00 5.71 12.77
CA MET A 313 12.79 6.85 11.87
C MET A 313 13.96 7.84 11.73
N ARG A 314 13.96 8.57 10.60
CA ARG A 314 15.05 9.49 10.20
C ARG A 314 15.35 10.62 11.21
N GLN A 315 14.33 11.06 11.93
CA GLN A 315 14.54 11.97 13.08
C GLN A 315 15.25 11.28 14.26
N ASN A 316 15.06 9.96 14.38
CA ASN A 316 15.67 9.14 15.43
C ASN A 316 17.01 8.49 15.04
N ARG A 317 17.19 8.14 13.76
CA ARG A 317 18.48 7.62 13.26
C ARG A 317 19.57 8.69 13.38
#